data_3NXX
#
_entry.id   3NXX
#
_cell.length_a   84.351
_cell.length_b   84.351
_cell.length_c   77.656
_cell.angle_alpha   90.00
_cell.angle_beta   90.00
_cell.angle_gamma   120.00
#
_symmetry.space_group_name_H-M   'H 3'
#
loop_
_entity.id
_entity.type
_entity.pdbx_description
1 polymer 'Dihydrofolate reductase'
2 non-polymer 'NADPH DIHYDRO-NICOTINAMIDE-ADENINE-DINUCLEOTIDE PHOSPHATE'
3 non-polymer 5-[(1E)-2-(2-methoxyphenyl)-4-methylpent-1-en-1-yl]furo[2,3-d]pyrimidine-2,4-diamine
4 water water
#
_entity_poly.entity_id   1
_entity_poly.type   'polypeptide(L)'
_entity_poly.pdbx_seq_one_letter_code
;VGSLNCIVAVSQNMGIGKNGDLPWPPLRNEFRYFQRMTTTSSVEGKQNLVIMGKKTWFSIPEKNRPLKGRINLVLSRELK
EPPQGAHFLSRSLDDALKLTEQPELANKVDMVWIVGGSSVYKEAMNHPGHLKLFVTRIMQDFESDTFFPEIDLEKYKLLP
EYPGVLSDVQEEKGIKYKFEVYEKND
;
_entity_poly.pdbx_strand_id   A
#
loop_
_chem_comp.id
_chem_comp.type
_chem_comp.name
_chem_comp.formula
D2D non-polymer 5-[(1E)-2-(2-methoxyphenyl)-4-methylpent-1-en-1-yl]furo[2,3-d]pyrimidine-2,4-diamine 'C19 H22 N4 O2'
NDP non-polymer 'NADPH DIHYDRO-NICOTINAMIDE-ADENINE-DINUCLEOTIDE PHOSPHATE' 'C21 H30 N7 O17 P3'
#
# COMPACT_ATOMS: atom_id res chain seq x y z
N VAL A 1 2.66 -10.13 15.20
CA VAL A 1 2.51 -9.14 14.02
C VAL A 1 1.03 -9.13 13.70
N GLY A 2 0.46 -7.97 13.41
CA GLY A 2 -0.98 -7.86 13.18
C GLY A 2 -1.28 -8.10 11.67
N SER A 3 -2.27 -7.39 11.22
CA SER A 3 -2.93 -7.75 9.96
C SER A 3 -2.05 -7.41 8.74
N LEU A 4 -2.34 -8.06 7.63
CA LEU A 4 -1.68 -7.80 6.35
C LEU A 4 -2.70 -7.10 5.49
N ASN A 5 -2.29 -6.07 4.76
CA ASN A 5 -3.17 -5.11 4.05
C ASN A 5 -2.49 -4.63 2.82
N CYS A 6 -3.25 -4.32 1.77
CA CYS A 6 -2.72 -3.48 0.65
C CYS A 6 -3.45 -2.19 0.66
N ILE A 7 -2.80 -1.13 0.18
CA ILE A 7 -3.46 0.13 0.07
C ILE A 7 -3.02 0.69 -1.34
N VAL A 8 -4.01 1.24 -2.07
CA VAL A 8 -3.81 1.79 -3.43
C VAL A 8 -4.84 2.87 -3.70
N ALA A 9 -4.50 3.77 -4.60
CA ALA A 9 -5.44 4.64 -5.28
C ALA A 9 -5.41 4.29 -6.78
N VAL A 10 -6.57 4.12 -7.45
CA VAL A 10 -6.62 3.54 -8.81
C VAL A 10 -7.68 4.24 -9.61
N SER A 11 -7.36 4.60 -10.86
CA SER A 11 -8.35 5.25 -11.77
C SER A 11 -9.35 4.18 -12.23
N GLN A 12 -10.33 4.75 -13.01
CA GLN A 12 -11.36 3.84 -13.54
C GLN A 12 -10.86 2.81 -14.55
N ASN A 13 -9.77 3.19 -15.27
CA ASN A 13 -9.11 2.29 -16.20
C ASN A 13 -7.98 1.50 -15.51
N MET A 14 -8.05 1.45 -14.16
CA MET A 14 -7.17 0.57 -13.31
C MET A 14 -5.76 1.14 -13.26
N GLY A 15 -5.54 2.38 -13.60
CA GLY A 15 -4.17 2.95 -13.56
C GLY A 15 -3.76 3.26 -12.19
N ILE A 16 -2.47 3.05 -11.87
CA ILE A 16 -1.91 3.48 -10.57
C ILE A 16 -0.68 4.32 -10.77
N GLY A 17 -0.07 4.41 -11.93
CA GLY A 17 1.15 5.20 -12.09
C GLY A 17 1.37 5.57 -13.57
N LYS A 18 2.17 6.63 -13.78
CA LYS A 18 2.59 7.03 -15.15
C LYS A 18 3.99 7.65 -14.89
N ASN A 19 4.93 7.01 -15.59
CA ASN A 19 6.31 7.70 -15.63
C ASN A 19 6.82 7.87 -14.17
N GLY A 20 6.57 6.94 -13.27
CA GLY A 20 7.12 7.04 -11.92
C GLY A 20 6.39 8.02 -11.05
N ASP A 21 5.20 8.48 -11.43
CA ASP A 21 4.39 9.32 -10.60
C ASP A 21 2.94 8.86 -10.76
N LEU A 22 2.07 9.55 -10.07
CA LEU A 22 0.66 9.20 -10.16
C LEU A 22 0.03 9.73 -11.41
N PRO A 23 -1.00 9.07 -11.91
CA PRO A 23 -1.63 9.50 -13.20
C PRO A 23 -2.37 10.82 -13.12
N TRP A 24 -2.82 11.16 -11.94
CA TRP A 24 -3.63 12.36 -11.62
C TRP A 24 -2.79 13.38 -10.92
N PRO A 25 -3.24 14.65 -10.95
CA PRO A 25 -2.55 15.64 -10.14
C PRO A 25 -2.65 15.37 -8.68
N PRO A 26 -1.83 15.97 -7.86
CA PRO A 26 -1.82 15.71 -6.44
C PRO A 26 -3.17 15.98 -5.80
N LEU A 27 -3.61 15.00 -4.99
CA LEU A 27 -4.86 15.07 -4.22
C LEU A 27 -4.49 15.10 -2.77
N ARG A 28 -4.43 16.31 -2.16
CA ARG A 28 -3.77 16.39 -0.88
C ARG A 28 -4.47 15.55 0.22
N ASN A 29 -5.81 15.60 0.25
CA ASN A 29 -6.52 14.85 1.30
C ASN A 29 -6.46 13.35 1.04
N GLU A 30 -6.39 12.96 -0.22
CA GLU A 30 -6.21 11.53 -0.56
C GLU A 30 -4.86 11.03 0.02
N PHE A 31 -3.82 11.85 -0.20
CA PHE A 31 -2.54 11.51 0.36
C PHE A 31 -2.55 11.50 1.88
N ARG A 32 -3.27 12.45 2.50
CA ARG A 32 -3.36 12.46 3.96
C ARG A 32 -4.03 11.14 4.51
N TYR A 33 -4.97 10.62 3.70
CA TYR A 33 -5.68 9.35 4.04
C TYR A 33 -4.65 8.20 3.97
N PHE A 34 -3.87 8.15 2.93
CA PHE A 34 -2.84 7.13 2.81
C PHE A 34 -1.89 7.21 4.04
N GLN A 35 -1.49 8.45 4.41
CA GLN A 35 -0.52 8.55 5.53
C GLN A 35 -1.18 8.13 6.84
N ARG A 36 -2.43 8.53 7.02
CA ARG A 36 -3.12 8.14 8.25
C ARG A 36 -3.32 6.67 8.38
N MET A 37 -3.79 6.00 7.28
CA MET A 37 -4.13 4.63 7.40
C MET A 37 -2.93 3.76 7.61
N THR A 38 -1.83 4.05 6.88
CA THR A 38 -0.60 3.28 7.00
C THR A 38 0.18 3.55 8.33
N THR A 39 0.07 4.78 8.84
CA THR A 39 0.84 5.13 10.09
C THR A 39 0.11 4.75 11.38
N THR A 40 -1.18 4.75 11.42
CA THR A 40 -1.93 4.61 12.71
C THR A 40 -1.92 3.13 13.12
N SER A 41 -1.40 2.90 14.34
CA SER A 41 -1.34 1.58 14.95
C SER A 41 -1.99 1.65 16.28
N SER A 42 -2.93 0.73 16.51
CA SER A 42 -3.60 0.61 17.84
C SER A 42 -2.79 -0.15 18.94
N VAL A 43 -1.69 -0.80 18.55
CA VAL A 43 -0.91 -1.60 19.52
C VAL A 43 0.24 -0.79 20.15
N GLU A 44 0.20 -0.65 21.49
CA GLU A 44 1.22 0.13 22.19
C GLU A 44 2.63 -0.38 21.97
N GLY A 45 3.54 0.57 21.73
CA GLY A 45 4.95 0.25 21.50
C GLY A 45 5.33 -0.42 20.17
N LYS A 46 4.41 -0.32 19.18
CA LYS A 46 4.69 -0.90 17.86
C LYS A 46 4.46 0.20 16.85
N GLN A 47 5.07 -0.04 15.66
CA GLN A 47 4.84 0.77 14.47
C GLN A 47 4.34 -0.23 13.39
N ASN A 48 3.71 0.36 12.37
CA ASN A 48 3.39 -0.40 11.16
C ASN A 48 4.60 -0.50 10.24
N LEU A 49 4.60 -1.54 9.43
CA LEU A 49 5.64 -1.78 8.41
C LEU A 49 5.02 -1.58 7.06
N VAL A 50 5.77 -0.85 6.22
CA VAL A 50 5.34 -0.67 4.80
C VAL A 50 6.26 -1.48 3.97
N ILE A 51 5.76 -2.24 3.01
CA ILE A 51 6.51 -3.07 2.09
C ILE A 51 6.25 -2.53 0.69
N MET A 52 7.31 -2.25 -0.06
CA MET A 52 7.15 -1.70 -1.42
C MET A 52 8.20 -2.22 -2.33
N GLY A 53 7.91 -2.29 -3.64
CA GLY A 53 9.00 -2.53 -4.63
C GLY A 53 9.91 -1.37 -4.77
N LYS A 54 10.99 -1.71 -5.49
CA LYS A 54 12.06 -0.73 -5.64
C LYS A 54 11.65 0.55 -6.43
N LYS A 55 10.84 0.37 -7.49
CA LYS A 55 10.43 1.57 -8.25
C LYS A 55 9.47 2.43 -7.48
N THR A 56 8.63 1.76 -6.65
CA THR A 56 7.75 2.61 -5.73
C THR A 56 8.55 3.40 -4.72
N TRP A 57 9.57 2.71 -4.06
CA TRP A 57 10.44 3.49 -3.18
C TRP A 57 10.97 4.78 -3.81
N PHE A 58 11.57 4.58 -5.02
CA PHE A 58 12.22 5.73 -5.68
C PHE A 58 11.18 6.70 -6.26
N SER A 59 9.91 6.30 -6.39
N SER A 59 9.91 6.33 -6.34
CA SER A 59 8.83 7.26 -6.73
CA SER A 59 8.89 7.28 -6.73
C SER A 59 8.48 8.23 -5.59
C SER A 59 8.45 8.22 -5.59
N ILE A 60 8.87 7.94 -4.34
CA ILE A 60 8.49 8.79 -3.25
C ILE A 60 9.59 9.92 -3.38
N PRO A 61 9.18 11.18 -3.34
CA PRO A 61 10.17 12.26 -3.43
C PRO A 61 11.05 12.10 -2.21
N GLU A 62 12.35 12.38 -2.30
CA GLU A 62 13.19 12.36 -1.08
C GLU A 62 12.50 13.02 0.15
N LYS A 63 11.64 14.03 -0.03
CA LYS A 63 11.07 14.70 1.18
C LYS A 63 10.18 13.82 2.06
N ASN A 64 9.57 12.81 1.44
CA ASN A 64 8.59 11.99 2.11
C ASN A 64 9.16 10.57 2.34
N ARG A 65 10.47 10.47 2.18
CA ARG A 65 11.26 9.21 2.09
C ARG A 65 12.41 9.06 3.22
N PRO A 66 12.34 8.11 4.20
CA PRO A 66 11.36 7.01 4.36
C PRO A 66 10.07 7.64 4.75
N LEU A 67 9.00 6.86 4.54
CA LEU A 67 7.70 7.25 5.10
C LEU A 67 7.80 7.35 6.66
N LYS A 68 7.53 8.49 7.20
CA LYS A 68 7.83 8.72 8.59
C LYS A 68 6.92 7.92 9.51
N GLY A 69 7.45 7.47 10.63
CA GLY A 69 6.61 6.82 11.66
C GLY A 69 6.28 5.38 11.29
N ARG A 70 6.80 4.83 10.21
CA ARG A 70 6.62 3.45 9.80
C ARG A 70 7.94 2.83 9.51
N ILE A 71 8.09 1.53 9.66
CA ILE A 71 9.28 0.86 9.25
C ILE A 71 9.19 0.65 7.75
N ASN A 72 10.23 0.97 7.01
CA ASN A 72 10.17 0.94 5.54
C ASN A 72 11.00 -0.20 5.02
N LEU A 73 10.43 -1.15 4.30
CA LEU A 73 11.04 -2.27 3.68
C LEU A 73 10.93 -2.24 2.19
N VAL A 74 12.01 -2.44 1.50
CA VAL A 74 12.04 -2.42 0.04
C VAL A 74 12.29 -3.75 -0.50
N LEU A 75 11.60 -4.19 -1.54
CA LEU A 75 11.80 -5.51 -2.20
C LEU A 75 12.68 -5.28 -3.44
N SER A 76 13.78 -6.03 -3.55
CA SER A 76 14.64 -6.00 -4.75
C SER A 76 15.57 -7.18 -4.68
N ARG A 77 15.81 -7.78 -5.86
CA ARG A 77 16.85 -8.81 -6.03
C ARG A 77 18.13 -8.23 -6.59
N GLU A 78 18.13 -7.01 -7.10
CA GLU A 78 19.36 -6.36 -7.59
C GLU A 78 20.13 -5.64 -6.49
N LEU A 79 19.42 -4.88 -5.63
CA LEU A 79 20.08 -4.15 -4.58
C LEU A 79 20.80 -5.12 -3.61
N LYS A 80 21.88 -4.60 -3.07
CA LYS A 80 22.71 -5.41 -2.14
C LYS A 80 22.45 -4.98 -0.70
N GLU A 81 21.84 -3.82 -0.49
CA GLU A 81 21.51 -3.25 0.84
C GLU A 81 20.32 -2.32 0.71
N PRO A 82 19.67 -1.96 1.79
CA PRO A 82 18.57 -1.02 1.68
C PRO A 82 19.02 0.27 1.07
N PRO A 83 18.16 0.89 0.22
CA PRO A 83 18.48 2.25 -0.26
C PRO A 83 18.71 3.24 0.82
N GLN A 84 19.36 4.36 0.53
CA GLN A 84 19.51 5.45 1.43
C GLN A 84 18.16 5.84 2.00
N GLY A 85 18.09 5.87 3.31
CA GLY A 85 16.83 6.19 4.03
C GLY A 85 15.89 5.05 4.33
N ALA A 86 16.05 3.92 3.67
CA ALA A 86 15.17 2.79 3.91
C ALA A 86 15.72 1.98 5.12
N HIS A 87 14.92 1.09 5.66
CA HIS A 87 15.33 0.35 6.87
C HIS A 87 15.64 -1.04 6.56
N PHE A 88 14.94 -1.75 5.72
CA PHE A 88 15.12 -3.14 5.39
C PHE A 88 15.07 -3.43 3.91
N LEU A 89 15.61 -4.53 3.46
CA LEU A 89 15.63 -5.03 2.09
C LEU A 89 15.34 -6.49 2.05
N SER A 90 14.39 -6.95 1.30
CA SER A 90 14.16 -8.36 1.15
C SER A 90 14.11 -8.76 -0.32
N ARG A 91 14.29 -10.03 -0.64
CA ARG A 91 14.36 -10.54 -2.01
C ARG A 91 13.11 -11.22 -2.50
N SER A 92 12.10 -11.29 -1.63
CA SER A 92 10.82 -11.84 -2.01
C SER A 92 9.82 -11.34 -0.95
N LEU A 93 8.55 -11.44 -1.37
CA LEU A 93 7.45 -11.05 -0.46
C LEU A 93 7.45 -12.02 0.75
N ASP A 94 7.65 -13.29 0.41
CA ASP A 94 7.58 -14.31 1.52
C ASP A 94 8.73 -14.05 2.50
N ASP A 95 9.91 -13.68 1.95
CA ASP A 95 11.01 -13.37 2.79
C ASP A 95 10.67 -12.20 3.68
N ALA A 96 10.09 -11.12 3.12
CA ALA A 96 9.78 -9.94 3.95
C ALA A 96 8.81 -10.32 5.06
N LEU A 97 7.81 -11.13 4.72
CA LEU A 97 6.87 -11.46 5.81
C LEU A 97 7.51 -12.38 6.89
N LYS A 98 8.34 -13.29 6.45
CA LYS A 98 9.16 -14.12 7.41
C LYS A 98 10.00 -13.25 8.29
N LEU A 99 10.61 -12.19 7.75
CA LEU A 99 11.40 -11.32 8.53
C LEU A 99 10.66 -10.64 9.68
N THR A 100 9.37 -10.39 9.47
CA THR A 100 8.60 -9.74 10.56
C THR A 100 8.53 -10.56 11.81
N GLU A 101 8.61 -11.88 11.64
CA GLU A 101 8.69 -12.89 12.72
C GLU A 101 10.09 -13.07 13.34
N GLN A 102 11.10 -12.41 12.84
CA GLN A 102 12.43 -12.64 13.42
C GLN A 102 12.59 -11.81 14.69
N PRO A 103 13.58 -12.15 15.57
CA PRO A 103 13.70 -11.32 16.81
C PRO A 103 13.85 -9.81 16.62
N GLU A 104 14.58 -9.37 15.59
CA GLU A 104 14.72 -7.94 15.29
C GLU A 104 13.37 -7.21 15.11
N LEU A 105 12.31 -7.91 14.63
CA LEU A 105 11.04 -7.21 14.31
C LEU A 105 9.77 -7.76 14.94
N ALA A 106 9.81 -9.02 15.37
CA ALA A 106 8.61 -9.70 15.92
C ALA A 106 7.73 -8.95 16.96
N ASN A 107 8.34 -8.14 17.82
CA ASN A 107 7.59 -7.38 18.82
C ASN A 107 7.52 -5.89 18.52
N LYS A 108 8.02 -5.51 17.32
CA LYS A 108 8.01 -4.06 16.94
C LYS A 108 6.95 -3.74 15.91
N VAL A 109 6.54 -4.74 15.16
CA VAL A 109 5.64 -4.49 13.94
C VAL A 109 4.17 -4.79 14.35
N ASP A 110 3.26 -3.84 14.15
CA ASP A 110 1.79 -4.05 14.23
C ASP A 110 1.29 -4.51 12.80
N MET A 111 0.74 -3.52 12.08
CA MET A 111 0.13 -3.92 10.80
C MET A 111 1.25 -3.96 9.73
N VAL A 112 1.01 -4.75 8.68
CA VAL A 112 1.89 -4.76 7.49
C VAL A 112 1.02 -4.17 6.34
N TRP A 113 1.56 -3.13 5.68
CA TRP A 113 0.87 -2.45 4.54
C TRP A 113 1.74 -2.57 3.30
N ILE A 114 1.21 -3.26 2.30
CA ILE A 114 1.84 -3.30 0.95
C ILE A 114 1.34 -2.11 0.22
N VAL A 115 2.33 -1.30 -0.19
CA VAL A 115 2.09 -0.01 -0.82
C VAL A 115 2.50 0.03 -2.33
N GLY A 116 2.70 -1.11 -2.91
CA GLY A 116 2.91 -1.21 -4.37
C GLY A 116 4.30 -1.63 -4.76
N GLY A 117 4.64 -1.83 -6.02
CA GLY A 117 3.76 -1.61 -7.20
C GLY A 117 2.99 -2.84 -7.65
N SER A 118 2.72 -2.93 -8.95
N SER A 118 2.67 -2.89 -8.95
CA SER A 118 1.70 -3.81 -9.52
CA SER A 118 1.78 -3.94 -9.48
C SER A 118 2.03 -5.34 -9.19
C SER A 118 2.21 -5.23 -8.83
N SER A 119 3.34 -5.75 -9.31
CA SER A 119 3.69 -7.12 -9.04
C SER A 119 3.57 -7.54 -7.56
N VAL A 120 3.88 -6.58 -6.72
CA VAL A 120 3.84 -6.86 -5.26
C VAL A 120 2.33 -7.01 -4.84
N TYR A 121 1.52 -6.03 -5.32
CA TYR A 121 0.07 -6.15 -5.13
C TYR A 121 -0.47 -7.51 -5.66
N LYS A 122 -0.05 -7.90 -6.89
CA LYS A 122 -0.61 -9.13 -7.41
C LYS A 122 -0.30 -10.35 -6.55
N GLU A 123 0.97 -10.41 -6.14
CA GLU A 123 1.37 -11.58 -5.34
C GLU A 123 0.71 -11.59 -3.96
N ALA A 124 0.61 -10.43 -3.33
CA ALA A 124 -0.04 -10.28 -2.01
C ALA A 124 -1.50 -10.75 -2.18
N MET A 125 -2.15 -10.30 -3.24
CA MET A 125 -3.58 -10.54 -3.35
C MET A 125 -3.89 -11.99 -3.58
N ASN A 126 -3.00 -12.77 -4.20
CA ASN A 126 -3.23 -14.18 -4.62
C ASN A 126 -2.70 -15.21 -3.63
N HIS A 127 -2.19 -14.72 -2.53
CA HIS A 127 -1.50 -15.49 -1.47
C HIS A 127 -2.61 -15.86 -0.49
N PRO A 128 -2.82 -17.19 -0.32
CA PRO A 128 -3.84 -17.61 0.70
C PRO A 128 -3.74 -16.91 2.04
N GLY A 129 -4.87 -16.66 2.70
CA GLY A 129 -4.91 -16.20 4.05
C GLY A 129 -5.76 -14.91 4.20
N HIS A 130 -5.70 -14.30 5.35
CA HIS A 130 -6.55 -13.14 5.67
C HIS A 130 -5.88 -11.86 5.19
N LEU A 131 -6.59 -11.09 4.31
CA LEU A 131 -5.96 -9.92 3.69
C LEU A 131 -7.03 -8.88 3.46
N LYS A 132 -6.73 -7.63 3.68
CA LYS A 132 -7.65 -6.53 3.30
C LYS A 132 -7.04 -5.64 2.25
N LEU A 133 -7.86 -5.08 1.38
CA LEU A 133 -7.43 -4.09 0.34
C LEU A 133 -8.15 -2.81 0.65
N PHE A 134 -7.39 -1.77 0.83
CA PHE A 134 -7.93 -0.37 1.02
C PHE A 134 -7.74 0.35 -0.28
N VAL A 135 -8.83 0.47 -1.00
CA VAL A 135 -8.82 0.94 -2.43
C VAL A 135 -9.51 2.27 -2.52
N THR A 136 -8.76 3.27 -3.04
CA THR A 136 -9.41 4.56 -3.39
C THR A 136 -9.74 4.53 -4.87
N ARG A 137 -11.02 4.59 -5.18
CA ARG A 137 -11.50 4.64 -6.60
C ARG A 137 -11.52 6.07 -7.05
N ILE A 138 -10.56 6.44 -7.92
CA ILE A 138 -10.48 7.79 -8.59
C ILE A 138 -11.41 7.63 -9.80
N MET A 139 -12.53 8.42 -9.76
CA MET A 139 -13.66 8.13 -10.66
C MET A 139 -13.56 8.86 -11.98
N GLN A 140 -12.38 8.77 -12.60
CA GLN A 140 -12.17 9.24 -13.99
C GLN A 140 -11.15 8.31 -14.60
N ASP A 141 -11.03 8.32 -15.92
CA ASP A 141 -9.91 7.68 -16.61
C ASP A 141 -8.73 8.58 -16.62
N PHE A 142 -7.53 7.99 -16.42
CA PHE A 142 -6.27 8.79 -16.57
C PHE A 142 -5.24 7.89 -17.24
N GLU A 143 -4.56 8.51 -18.23
CA GLU A 143 -3.44 7.84 -18.94
C GLU A 143 -2.41 7.32 -17.87
N SER A 144 -2.15 6.05 -18.08
CA SER A 144 -1.31 5.32 -17.07
C SER A 144 -0.35 4.42 -17.83
N ASP A 145 0.75 4.04 -17.16
CA ASP A 145 1.56 2.99 -17.68
C ASP A 145 1.84 1.86 -16.69
N THR A 146 1.13 1.84 -15.56
CA THR A 146 1.30 0.76 -14.59
C THR A 146 -0.04 0.09 -14.73
N PHE A 147 -0.62 -0.49 -13.72
CA PHE A 147 -2.03 -0.85 -13.49
C PHE A 147 -2.17 -1.76 -12.22
N PHE A 148 -3.30 -1.59 -11.55
CA PHE A 148 -3.65 -2.48 -10.43
C PHE A 148 -4.09 -3.85 -10.92
N PRO A 149 -3.69 -4.94 -10.29
CA PRO A 149 -4.18 -6.25 -10.72
C PRO A 149 -5.69 -6.42 -10.49
N GLU A 150 -6.25 -7.40 -11.17
CA GLU A 150 -7.65 -7.69 -11.03
C GLU A 150 -8.02 -8.06 -9.58
N ILE A 151 -9.09 -7.48 -9.06
CA ILE A 151 -9.63 -7.87 -7.75
C ILE A 151 -10.68 -8.95 -8.00
N ASP A 152 -10.44 -10.12 -7.54
CA ASP A 152 -11.38 -11.26 -7.65
C ASP A 152 -12.47 -11.09 -6.60
N LEU A 153 -13.62 -10.64 -7.01
CA LEU A 153 -14.69 -10.34 -6.06
C LEU A 153 -15.38 -11.64 -5.57
N GLU A 154 -15.06 -12.79 -6.12
CA GLU A 154 -15.57 -14.00 -5.52
C GLU A 154 -14.92 -14.17 -4.13
N LYS A 155 -13.69 -13.70 -3.92
CA LYS A 155 -13.01 -13.90 -2.66
C LYS A 155 -12.89 -12.57 -1.89
N TYR A 156 -12.73 -11.44 -2.55
CA TYR A 156 -12.66 -10.10 -1.84
C TYR A 156 -14.02 -9.50 -1.70
N LYS A 157 -14.53 -9.49 -0.47
CA LYS A 157 -15.83 -8.92 -0.14
C LYS A 157 -15.64 -7.43 0.08
N LEU A 158 -16.42 -6.60 -0.55
CA LEU A 158 -16.50 -5.12 -0.28
C LEU A 158 -17.24 -4.92 1.00
N LEU A 159 -16.61 -4.33 1.98
CA LEU A 159 -17.23 -4.15 3.31
C LEU A 159 -18.20 -2.98 3.24
N PRO A 160 -19.33 -3.05 4.02
CA PRO A 160 -20.37 -2.02 3.88
C PRO A 160 -20.09 -0.77 4.65
N GLU A 161 -19.02 -0.79 5.50
CA GLU A 161 -18.30 0.49 6.03
C GLU A 161 -17.18 -0.01 6.90
N TYR A 162 -16.38 0.91 7.34
CA TYR A 162 -15.22 0.49 8.05
C TYR A 162 -14.85 1.71 8.91
N PRO A 163 -14.55 1.50 10.23
CA PRO A 163 -14.15 2.68 11.09
C PRO A 163 -12.98 3.43 10.56
N GLY A 164 -13.15 4.77 10.61
CA GLY A 164 -12.02 5.62 10.15
C GLY A 164 -11.93 5.85 8.63
N VAL A 165 -12.89 5.28 7.91
CA VAL A 165 -12.95 5.45 6.43
C VAL A 165 -14.24 6.08 6.10
N LEU A 166 -14.18 7.28 5.50
CA LEU A 166 -15.43 7.95 5.04
C LEU A 166 -16.10 7.20 3.91
N SER A 167 -17.43 7.15 3.90
CA SER A 167 -18.17 6.32 2.95
C SER A 167 -18.67 7.11 1.77
N ASP A 168 -18.70 8.41 1.88
CA ASP A 168 -19.28 9.23 0.76
C ASP A 168 -18.24 9.67 -0.27
N VAL A 169 -18.72 10.31 -1.31
CA VAL A 169 -17.85 10.76 -2.43
C VAL A 169 -17.03 11.95 -1.96
N GLN A 170 -15.74 11.97 -2.26
CA GLN A 170 -14.79 13.06 -1.95
C GLN A 170 -14.50 13.72 -3.30
N GLU A 171 -14.00 14.97 -3.28
CA GLU A 171 -13.60 15.62 -4.49
C GLU A 171 -12.52 16.61 -4.19
N GLU A 172 -11.45 16.52 -4.98
CA GLU A 172 -10.31 17.48 -4.91
C GLU A 172 -9.92 17.75 -6.34
N LYS A 173 -9.60 19.03 -6.62
CA LYS A 173 -9.26 19.46 -7.96
C LYS A 173 -10.14 19.01 -9.08
N GLY A 174 -11.42 19.02 -8.77
CA GLY A 174 -12.46 18.67 -9.73
C GLY A 174 -12.50 17.14 -9.99
N ILE A 175 -11.78 16.29 -9.18
CA ILE A 175 -11.69 14.84 -9.39
C ILE A 175 -12.43 14.20 -8.19
N LYS A 176 -13.51 13.53 -8.51
CA LYS A 176 -14.28 12.77 -7.49
C LYS A 176 -13.64 11.41 -7.26
N TYR A 177 -13.68 11.01 -5.99
CA TYR A 177 -13.12 9.67 -5.66
C TYR A 177 -13.84 9.16 -4.42
N LYS A 178 -13.69 7.88 -4.14
CA LYS A 178 -14.32 7.27 -2.95
C LYS A 178 -13.44 6.22 -2.35
N PHE A 179 -13.60 5.95 -1.07
CA PHE A 179 -12.77 5.00 -0.36
C PHE A 179 -13.53 3.67 -0.19
N GLU A 180 -12.90 2.55 -0.37
CA GLU A 180 -13.48 1.20 -0.26
C GLU A 180 -12.54 0.35 0.57
N VAL A 181 -13.10 -0.68 1.25
CA VAL A 181 -12.25 -1.67 1.92
C VAL A 181 -12.78 -3.02 1.55
N TYR A 182 -11.91 -3.87 1.11
CA TYR A 182 -12.26 -5.26 0.73
C TYR A 182 -11.58 -6.19 1.68
N GLU A 183 -12.17 -7.37 1.94
CA GLU A 183 -11.55 -8.37 2.79
C GLU A 183 -11.72 -9.78 2.25
N LYS A 184 -10.67 -10.52 2.20
CA LYS A 184 -10.75 -11.97 1.87
C LYS A 184 -10.24 -12.76 3.10
N ASN A 185 -10.56 -14.06 3.13
CA ASN A 185 -9.91 -15.00 4.11
C ASN A 185 -10.01 -16.32 3.50
N ASP A 186 -8.92 -16.80 2.91
CA ASP A 186 -8.92 -18.11 2.17
C ASP A 186 -7.60 -18.83 2.53
PA NDP B . 7.51 -1.76 -8.17
O1A NDP B . 6.77 -2.99 -7.96
O2A NDP B . 7.44 -0.72 -7.21
O5B NDP B . 9.06 -2.05 -8.44
C5B NDP B . 9.45 -3.20 -9.22
C4B NDP B . 10.88 -3.49 -8.85
O4B NDP B . 10.78 -3.98 -7.43
C3B NDP B . 11.30 -4.74 -9.58
O3B NDP B . 11.98 -4.52 -10.88
C2B NDP B . 12.16 -5.47 -8.53
O2B NDP B . 13.42 -4.94 -8.38
C1B NDP B . 11.43 -5.16 -7.22
N9A NDP B . 10.39 -6.16 -6.95
C8A NDP B . 9.04 -6.06 -7.14
N7A NDP B . 8.50 -7.16 -6.55
C5A NDP B . 9.45 -7.90 -5.97
C6A NDP B . 9.45 -9.12 -5.29
N6A NDP B . 8.34 -9.86 -4.98
N1A NDP B . 10.64 -9.57 -4.80
C2A NDP B . 11.78 -8.91 -5.01
N3A NDP B . 11.84 -7.81 -5.71
C4A NDP B . 10.67 -7.29 -6.21
O3 NDP B . 7.10 -1.13 -9.64
PN NDP B . 5.82 -0.62 -10.50
O1N NDP B . 6.38 -0.02 -11.79
O2N NDP B . 4.79 -1.65 -10.48
O5D NDP B . 5.30 0.52 -9.62
C5D NDP B . 5.81 1.80 -9.56
C4D NDP B . 4.75 2.76 -10.26
O4D NDP B . 3.44 2.65 -9.57
C3D NDP B . 5.15 4.20 -10.16
O3D NDP B . 4.44 4.94 -11.22
C2D NDP B . 4.47 4.66 -8.86
O2D NDP B . 4.15 6.07 -8.86
C1D NDP B . 3.14 3.87 -8.94
N1N NDP B . 2.47 3.49 -7.65
C2N NDP B . 1.20 4.06 -7.45
C3N NDP B . 0.46 3.66 -6.34
C7N NDP B . -0.88 4.19 -6.13
O7N NDP B . -1.58 4.85 -7.13
N7N NDP B . -1.55 3.83 -5.14
C4N NDP B . 1.03 2.81 -5.38
C5N NDP B . 2.41 2.39 -5.62
C6N NDP B . 3.13 2.71 -6.74
P2B NDP B . 14.73 -5.56 -8.87
O1X NDP B . 14.78 -6.97 -8.40
O2X NDP B . 15.77 -4.70 -8.30
O3X NDP B . 14.72 -5.49 -10.38
N1 D2D C . -3.04 6.70 -2.23
C2 D2D C . -3.46 5.52 -1.68
N3 D2D C . -2.67 4.46 -1.62
C4 D2D C . -1.42 4.58 -2.08
C5 D2D C . -0.92 5.71 -2.64
C6 D2D C . -1.78 6.81 -2.73
CAA D2D C . 4.59 7.21 -0.44
CAB D2D C . 0.91 10.68 -3.47
NAC D2D C . -4.71 5.38 -1.20
NAD D2D C . -1.41 7.99 -3.29
CAE D2D C . 1.30 6.18 -3.74
CAF D2D C . 3.99 9.52 -6.21
CAG D2D C . 4.50 8.24 -6.28
CAH D2D C . 3.05 9.95 -5.29
CAI D2D C . 4.03 7.29 -5.37
CAJ D2D C . 0.60 4.03 -2.63
CAK D2D C . 3.43 7.64 -1.29
CAL D2D C . 3.05 6.40 -2.10
OAO D2D C . 1.57 9.38 -3.45
OAP D2D C . -0.56 3.55 -1.99
CAQ D2D C . 2.52 6.74 -3.46
CAS D2D C . 0.40 5.32 -3.01
CAU D2D C . 2.57 9.00 -4.38
CAV D2D C . 3.05 7.68 -4.41
C19 D2D C . 3.81 8.84 -2.16
N1 D2D D . -2.98 6.82 -2.01
C2 D2D D . -3.46 5.59 -1.62
N3 D2D D . -2.67 4.53 -1.63
C4 D2D D . -1.41 4.67 -2.03
C5 D2D D . -0.85 5.88 -2.41
C6 D2D D . -1.69 6.98 -2.34
CAA D2D D . 4.60 4.51 -1.34
CAB D2D D . 0.99 10.92 -3.62
NAC D2D D . -4.75 5.47 -1.22
NAD D2D D . -1.33 8.24 -2.70
CAE D2D D . 1.42 6.49 -3.21
CAF D2D D . 4.34 9.80 -5.66
CAG D2D D . 5.00 8.62 -5.36
CAH D2D D . 3.11 10.12 -5.09
CAI D2D D . 4.45 7.72 -4.47
CAJ D2D D . 0.65 4.22 -2.48
CAK D2D D . 4.46 5.62 -2.31
CAL D2D D . 3.41 6.56 -1.75
OAO D2D D . 1.32 9.50 -3.62
OAP D2D D . -0.55 3.64 -2.00
CAQ D2D D . 2.65 7.05 -2.95
CAS D2D D . 0.48 5.56 -2.68
CAU D2D D . 2.55 9.19 -4.20
CAV D2D D . 3.20 8.00 -3.87
C19 D2D D . 4.01 5.22 -3.70
#